data_4YQO
#
_entry.id   4YQO
#
_cell.length_a   94.389
_cell.length_b   94.389
_cell.length_c   178.558
_cell.angle_alpha   90.000
_cell.angle_beta   90.000
_cell.angle_gamma   120.000
#
_symmetry.space_group_name_H-M   'H 3 2'
#
loop_
_entity.id
_entity.type
_entity.pdbx_description
1 polymer 'tRNA (guanine-N(1)-)-methyltransferase'
2 non-polymer 6-({[(1R,3S)-3-(aminomethyl)cyclohexyl]methyl}amino)pyridine-3-carboxamide
3 water water
#
_entity_poly.entity_id   1
_entity_poly.type   'polypeptide(L)'
_entity_poly.pdbx_seq_one_letter_code
;GLVPRGSHMWIGVISLFPEMFKAITEFGVTGRAVKHNLLKVECWNPRDFTFDKHKTVDDRPYGGGPGMLMMVQPLRDAIH
TAKAAAGEGAKVIYLSPQGRKLDQGGVTELAQNQKLILVCGRYEGIDERLIQTEIDEEWSIGDYVLTGGELPAMTLIDAV
ARFIPGVLGKQASAEEDSFADGLLDCPHYTRPEVLEGLTVPPVLMSGHHEEIRKWRLKQSLQRTWLRRPELLEGLALTDE
QRKLLKEAQAEHNS
;
_entity_poly.pdbx_strand_id   A
#
loop_
_chem_comp.id
_chem_comp.type
_chem_comp.name
_chem_comp.formula
4H1 non-polymer 6-({[(1R,3S)-3-(aminomethyl)cyclohexyl]methyl}amino)pyridine-3-carboxamide 'C14 H22 N4 O'
#
# COMPACT_ATOMS: atom_id res chain seq x y z
N GLY A 1 -1.78 -24.15 -11.78
CA GLY A 1 -0.41 -23.81 -11.46
C GLY A 1 0.17 -24.69 -10.37
N LEU A 2 1.50 -24.75 -10.31
CA LEU A 2 2.17 -25.48 -9.24
C LEU A 2 2.59 -24.61 -8.07
N VAL A 3 2.58 -23.29 -8.20
CA VAL A 3 3.09 -22.45 -7.11
C VAL A 3 2.11 -22.47 -5.95
N PRO A 4 2.53 -22.75 -4.72
CA PRO A 4 1.56 -22.86 -3.62
C PRO A 4 0.77 -21.56 -3.45
N ARG A 5 -0.56 -21.73 -3.52
CA ARG A 5 -1.59 -20.71 -3.69
C ARG A 5 -2.46 -20.44 -2.45
N GLY A 6 -2.19 -21.08 -1.29
CA GLY A 6 -3.22 -21.16 -0.25
C GLY A 6 -3.77 -19.81 0.19
N SER A 7 -2.88 -18.84 0.37
CA SER A 7 -3.17 -17.52 0.90
C SER A 7 -3.56 -16.49 -0.17
N HIS A 8 -3.82 -16.93 -1.40
CA HIS A 8 -4.01 -16.01 -2.53
C HIS A 8 -5.05 -14.95 -2.22
N MET A 9 -4.87 -13.77 -2.81
CA MET A 9 -5.80 -12.66 -2.61
C MET A 9 -6.45 -12.31 -3.93
N TRP A 10 -7.73 -11.98 -3.87
CA TRP A 10 -8.45 -11.45 -5.03
C TRP A 10 -8.80 -10.00 -4.73
N ILE A 11 -8.47 -9.10 -5.68
CA ILE A 11 -8.74 -7.68 -5.49
C ILE A 11 -9.53 -7.21 -6.70
N GLY A 12 -10.79 -6.84 -6.46
CA GLY A 12 -11.58 -6.19 -7.47
C GLY A 12 -11.28 -4.70 -7.38
N VAL A 13 -11.30 -4.05 -8.53
CA VAL A 13 -10.99 -2.62 -8.60
C VAL A 13 -12.09 -1.97 -9.42
N ILE A 14 -12.58 -0.84 -8.94
CA ILE A 14 -13.52 -0.04 -9.72
C ILE A 14 -12.74 1.20 -10.15
N SER A 15 -12.53 1.39 -11.45
CA SER A 15 -11.73 2.54 -11.90
C SER A 15 -12.13 2.95 -13.29
N LEU A 16 -12.11 4.27 -13.54
CA LEU A 16 -12.27 4.82 -14.89
C LEU A 16 -11.04 4.65 -15.78
N PHE A 17 -9.91 4.24 -15.20
CA PHE A 17 -8.66 4.03 -15.93
C PHE A 17 -8.05 2.69 -15.57
N PRO A 18 -8.73 1.59 -15.91
CA PRO A 18 -8.22 0.27 -15.51
C PRO A 18 -6.84 -0.05 -16.09
N GLU A 19 -6.49 0.54 -17.23
CA GLU A 19 -5.18 0.24 -17.80
C GLU A 19 -4.05 0.75 -16.92
N MET A 20 -4.32 1.72 -15.99
CA MET A 20 -3.24 2.09 -15.07
C MET A 20 -2.74 0.88 -14.29
N PHE A 21 -3.61 -0.09 -14.05
CA PHE A 21 -3.24 -1.20 -13.19
C PHE A 21 -2.26 -2.17 -13.85
N LYS A 22 -2.03 -2.05 -15.16
CA LYS A 22 -0.95 -2.81 -15.77
C LYS A 22 0.37 -2.52 -15.10
N ALA A 23 0.52 -1.35 -14.50
CA ALA A 23 1.79 -1.05 -13.86
C ALA A 23 2.09 -2.06 -12.78
N ILE A 24 1.05 -2.51 -12.06
CA ILE A 24 1.27 -3.57 -11.09
C ILE A 24 1.12 -4.98 -11.64
N THR A 25 0.21 -5.21 -12.58
CA THR A 25 -0.08 -6.60 -12.98
C THR A 25 0.88 -7.15 -14.00
N GLU A 26 1.59 -6.28 -14.73
CA GLU A 26 2.49 -6.73 -15.77
C GLU A 26 3.97 -6.72 -15.44
N PHE A 27 4.41 -6.25 -14.24
CA PHE A 27 5.83 -5.98 -13.99
C PHE A 27 6.23 -6.40 -12.60
N GLY A 28 7.49 -6.86 -12.48
CA GLY A 28 8.05 -6.97 -11.17
C GLY A 28 7.48 -8.10 -10.32
N VAL A 29 7.64 -7.90 -9.02
CA VAL A 29 7.19 -8.87 -8.02
C VAL A 29 5.67 -9.03 -8.07
N THR A 30 4.94 -7.92 -8.21
CA THR A 30 3.49 -8.02 -8.28
C THR A 30 3.07 -8.72 -9.57
N GLY A 31 3.75 -8.40 -10.67
CA GLY A 31 3.44 -9.04 -11.93
C GLY A 31 3.65 -10.54 -11.84
N ARG A 32 4.74 -10.94 -11.16
CA ARG A 32 4.97 -12.36 -10.93
C ARG A 32 3.88 -12.98 -10.08
N ALA A 33 3.46 -12.29 -9.02
CA ALA A 33 2.37 -12.77 -8.18
C ALA A 33 1.09 -12.97 -9.01
N VAL A 34 0.81 -12.07 -9.96
CA VAL A 34 -0.36 -12.28 -10.82
C VAL A 34 -0.17 -13.51 -11.72
N LYS A 35 1.00 -13.64 -12.36
CA LYS A 35 1.19 -14.79 -13.25
C LYS A 35 1.13 -16.11 -12.49
N HIS A 36 1.60 -16.14 -11.25
CA HIS A 36 1.59 -17.37 -10.47
C HIS A 36 0.29 -17.60 -9.70
N ASN A 37 -0.72 -16.76 -9.90
CA ASN A 37 -2.04 -16.94 -9.31
C ASN A 37 -2.03 -16.76 -7.80
N LEU A 38 -1.04 -16.05 -7.27
CA LEU A 38 -1.06 -15.64 -5.87
C LEU A 38 -1.94 -14.41 -5.66
N LEU A 39 -2.10 -13.62 -6.72
CA LEU A 39 -2.81 -12.34 -6.65
C LEU A 39 -3.62 -12.26 -7.94
N LYS A 40 -4.91 -11.92 -7.81
CA LYS A 40 -5.71 -11.65 -8.98
C LYS A 40 -6.29 -10.25 -8.84
N VAL A 41 -6.16 -9.42 -9.87
CA VAL A 41 -6.71 -8.07 -9.86
C VAL A 41 -7.70 -8.01 -11.01
N GLU A 42 -8.97 -7.73 -10.69
CA GLU A 42 -10.01 -7.71 -11.72
C GLU A 42 -10.63 -6.31 -11.69
N CYS A 43 -10.74 -5.66 -12.85
CA CYS A 43 -11.19 -4.28 -12.90
C CYS A 43 -12.52 -4.16 -13.61
N TRP A 44 -13.33 -3.25 -13.11
CA TRP A 44 -14.59 -2.85 -13.71
C TRP A 44 -14.55 -1.34 -13.89
N ASN A 45 -14.99 -0.88 -15.06
CA ASN A 45 -14.90 0.54 -15.39
C ASN A 45 -16.30 1.09 -15.41
N PRO A 46 -16.64 2.06 -14.56
CA PRO A 46 -18.00 2.63 -14.61
C PRO A 46 -18.44 3.07 -16.00
N ARG A 47 -17.50 3.44 -16.88
CA ARG A 47 -17.91 3.81 -18.24
C ARG A 47 -18.71 2.71 -18.91
N ASP A 48 -18.40 1.45 -18.59
CA ASP A 48 -19.06 0.34 -19.25
C ASP A 48 -20.48 0.15 -18.73
N PHE A 49 -20.80 0.84 -17.64
CA PHE A 49 -22.12 0.77 -17.03
C PHE A 49 -23.02 1.94 -17.39
N THR A 50 -22.56 2.86 -18.25
CA THR A 50 -23.39 4.00 -18.68
C THR A 50 -24.31 3.56 -19.80
N PHE A 51 -25.43 4.24 -19.89
CA PHE A 51 -26.33 4.01 -21.03
C PHE A 51 -26.48 5.14 -22.04
N ASP A 52 -25.97 6.33 -21.74
CA ASP A 52 -26.15 7.45 -22.65
C ASP A 52 -25.12 7.39 -23.77
N LYS A 53 -25.42 8.12 -24.86
CA LYS A 53 -24.57 8.05 -26.04
C LYS A 53 -23.13 8.42 -25.71
N HIS A 54 -22.93 9.40 -24.81
CA HIS A 54 -21.59 9.90 -24.54
C HIS A 54 -20.93 9.22 -23.35
N LYS A 55 -21.55 8.19 -22.79
CA LYS A 55 -20.91 7.40 -21.72
C LYS A 55 -20.50 8.31 -20.54
N THR A 56 -21.46 9.08 -20.06
CA THR A 56 -21.18 10.09 -19.04
C THR A 56 -20.93 9.48 -17.67
N VAL A 57 -19.75 9.76 -17.09
CA VAL A 57 -19.40 9.24 -15.78
C VAL A 57 -19.31 10.28 -14.67
N ASP A 58 -19.52 11.56 -14.95
CA ASP A 58 -19.47 12.60 -13.92
C ASP A 58 -20.82 13.27 -13.82
N ASP A 59 -21.03 14.00 -12.73
CA ASP A 59 -22.32 14.64 -12.49
C ASP A 59 -22.08 15.88 -11.64
N ARG A 60 -23.05 16.81 -11.67
CA ARG A 60 -22.89 18.12 -11.00
C ARG A 60 -23.21 18.00 -9.51
N PRO A 61 -22.47 18.73 -8.67
CA PRO A 61 -22.72 18.68 -7.23
C PRO A 61 -23.92 19.51 -6.85
N TYR A 62 -24.74 18.96 -5.95
CA TYR A 62 -25.76 19.77 -5.30
C TYR A 62 -25.04 20.85 -4.49
N GLY A 63 -25.58 22.07 -4.54
CA GLY A 63 -24.99 23.22 -3.86
C GLY A 63 -23.95 23.94 -4.67
N GLY A 64 -23.69 23.48 -5.90
CA GLY A 64 -22.80 24.17 -6.79
C GLY A 64 -21.37 24.09 -6.31
N GLY A 65 -20.62 25.13 -6.64
CA GLY A 65 -19.22 25.16 -6.30
C GLY A 65 -18.46 24.47 -7.39
N PRO A 66 -17.14 24.57 -7.37
CA PRO A 66 -16.35 24.00 -8.46
C PRO A 66 -16.25 22.50 -8.27
N GLY A 67 -15.96 21.84 -9.38
CA GLY A 67 -15.77 20.41 -9.37
C GLY A 67 -17.02 19.65 -9.78
N MET A 68 -16.80 18.42 -10.21
CA MET A 68 -17.84 17.48 -10.54
C MET A 68 -17.66 16.32 -9.58
N LEU A 69 -18.67 15.47 -9.50
CA LEU A 69 -18.56 14.24 -8.72
CA LEU A 69 -18.63 14.24 -8.71
C LEU A 69 -18.69 13.07 -9.68
N MET A 70 -18.25 11.89 -9.23
CA MET A 70 -18.58 10.72 -10.03
CA MET A 70 -18.58 10.64 -9.94
C MET A 70 -20.10 10.52 -10.06
N MET A 71 -20.59 10.20 -11.27
CA MET A 71 -22.02 9.95 -11.42
C MET A 71 -22.40 8.71 -10.64
N VAL A 72 -23.54 8.82 -9.93
CA VAL A 72 -23.92 7.73 -9.02
C VAL A 72 -24.23 6.43 -9.79
N GLN A 73 -25.13 6.50 -10.79
CA GLN A 73 -25.66 5.24 -11.35
C GLN A 73 -24.56 4.34 -11.95
N PRO A 74 -23.65 4.83 -12.78
CA PRO A 74 -22.61 3.93 -13.35
C PRO A 74 -21.65 3.41 -12.30
N LEU A 75 -21.32 4.24 -11.31
CA LEU A 75 -20.41 3.80 -10.26
C LEU A 75 -21.08 2.75 -9.38
N ARG A 76 -22.33 3.02 -8.93
CA ARG A 76 -23.06 2.05 -8.12
C ARG A 76 -23.21 0.72 -8.84
N ASP A 77 -23.55 0.76 -10.12
CA ASP A 77 -23.75 -0.49 -10.85
C ASP A 77 -22.43 -1.26 -10.98
N ALA A 78 -21.33 -0.53 -11.15
CA ALA A 78 -20.04 -1.21 -11.23
C ALA A 78 -19.68 -1.86 -9.89
N ILE A 79 -19.90 -1.13 -8.79
CA ILE A 79 -19.64 -1.71 -7.48
C ILE A 79 -20.48 -2.97 -7.27
N HIS A 80 -21.78 -2.89 -7.60
CA HIS A 80 -22.63 -4.06 -7.39
C HIS A 80 -22.18 -5.24 -8.22
N THR A 81 -21.73 -4.99 -9.44
CA THR A 81 -21.21 -6.07 -10.26
C THR A 81 -19.96 -6.68 -9.66
N ALA A 82 -19.07 -5.83 -9.14
CA ALA A 82 -17.86 -6.35 -8.51
C ALA A 82 -18.22 -7.19 -7.26
N LYS A 83 -19.21 -6.73 -6.49
CA LYS A 83 -19.59 -7.46 -5.27
C LYS A 83 -20.18 -8.81 -5.64
N ALA A 84 -20.94 -8.86 -6.74
CA ALA A 84 -21.51 -10.15 -7.14
C ALA A 84 -20.42 -11.10 -7.60
N ALA A 85 -19.42 -10.59 -8.31
CA ALA A 85 -18.30 -11.42 -8.74
C ALA A 85 -17.49 -11.91 -7.56
N ALA A 86 -17.40 -11.13 -6.49
CA ALA A 86 -16.56 -11.49 -5.37
C ALA A 86 -17.19 -12.57 -4.52
N GLY A 87 -18.51 -12.68 -4.54
CA GLY A 87 -19.11 -13.62 -3.63
C GLY A 87 -19.05 -13.06 -2.22
N GLU A 88 -19.17 -13.96 -1.25
CA GLU A 88 -19.30 -13.56 0.14
C GLU A 88 -17.96 -13.15 0.71
N GLY A 89 -17.98 -12.15 1.60
CA GLY A 89 -16.83 -11.80 2.39
C GLY A 89 -15.89 -10.76 1.84
N ALA A 90 -16.23 -10.09 0.75
CA ALA A 90 -15.34 -9.06 0.21
C ALA A 90 -15.55 -7.74 0.95
N LYS A 91 -14.47 -7.16 1.47
CA LYS A 91 -14.52 -5.86 2.11
C LYS A 91 -14.33 -4.80 1.02
N VAL A 92 -15.21 -3.79 0.98
CA VAL A 92 -15.20 -2.74 -0.05
C VAL A 92 -14.51 -1.51 0.55
N ILE A 93 -13.41 -1.05 -0.09
CA ILE A 93 -12.56 0.00 0.46
C ILE A 93 -12.62 1.18 -0.48
N TYR A 94 -12.77 2.38 0.06
CA TYR A 94 -12.68 3.57 -0.77
C TYR A 94 -11.41 4.30 -0.37
N LEU A 95 -10.59 4.67 -1.34
CA LEU A 95 -9.36 5.38 -1.01
C LEU A 95 -9.62 6.89 -1.10
N SER A 96 -9.22 7.63 -0.07
CA SER A 96 -9.45 9.07 -0.10
C SER A 96 -8.65 9.71 1.04
N PRO A 97 -8.43 11.02 0.94
CA PRO A 97 -7.68 11.71 2.00
C PRO A 97 -8.43 11.76 3.33
N GLN A 98 -9.76 11.51 3.32
CA GLN A 98 -10.55 11.46 4.54
C GLN A 98 -10.50 10.09 5.21
N GLY A 99 -9.73 9.10 4.67
CA GLY A 99 -9.73 7.79 5.27
C GLY A 99 -8.69 7.61 6.37
N ARG A 100 -8.77 6.44 7.00
CA ARG A 100 -7.81 6.06 8.01
C ARG A 100 -6.41 6.00 7.39
N LYS A 101 -5.44 6.55 8.09
CA LYS A 101 -4.12 6.66 7.47
C LYS A 101 -3.44 5.28 7.44
N LEU A 102 -2.98 4.89 6.26
CA LEU A 102 -2.35 3.59 6.10
C LEU A 102 -0.95 3.60 6.69
N ASP A 103 -0.62 2.56 7.45
CA ASP A 103 0.75 2.27 7.86
C ASP A 103 0.93 0.77 7.78
N GLN A 104 2.12 0.30 8.10
CA GLN A 104 2.40 -1.12 7.87
C GLN A 104 1.47 -2.00 8.70
N GLY A 105 1.16 -1.57 9.92
CA GLY A 105 0.25 -2.37 10.72
C GLY A 105 -1.10 -2.48 10.03
N GLY A 106 -1.58 -1.38 9.49
CA GLY A 106 -2.84 -1.42 8.77
C GLY A 106 -2.74 -2.25 7.50
N VAL A 107 -1.59 -2.21 6.82
CA VAL A 107 -1.40 -3.10 5.66
C VAL A 107 -1.57 -4.56 6.06
N THR A 108 -0.96 -4.95 7.18
CA THR A 108 -1.03 -6.35 7.57
C THR A 108 -2.45 -6.74 8.01
N GLU A 109 -3.21 -5.81 8.58
CA GLU A 109 -4.63 -6.07 8.84
C GLU A 109 -5.39 -6.26 7.52
N LEU A 110 -5.12 -5.40 6.55
CA LEU A 110 -5.85 -5.54 5.29
C LEU A 110 -5.48 -6.82 4.56
N ALA A 111 -4.26 -7.28 4.71
CA ALA A 111 -3.79 -8.46 4.01
C ALA A 111 -4.43 -9.72 4.55
N GLN A 112 -5.16 -9.63 5.68
CA GLN A 112 -5.87 -10.81 6.21
C GLN A 112 -7.09 -11.14 5.38
N ASN A 113 -7.57 -10.21 4.57
CA ASN A 113 -8.77 -10.41 3.79
C ASN A 113 -8.42 -11.20 2.53
N GLN A 114 -9.16 -12.26 2.27
CA GLN A 114 -8.92 -12.96 1.01
C GLN A 114 -9.50 -12.21 -0.17
N LYS A 115 -10.45 -11.31 0.06
CA LYS A 115 -11.07 -10.59 -1.05
C LYS A 115 -11.21 -9.14 -0.65
N LEU A 116 -10.82 -8.23 -1.54
CA LEU A 116 -11.01 -6.80 -1.33
C LEU A 116 -11.60 -6.24 -2.63
N ILE A 117 -12.42 -5.19 -2.50
CA ILE A 117 -12.85 -4.40 -3.65
C ILE A 117 -12.41 -2.97 -3.39
N LEU A 118 -11.65 -2.38 -4.33
CA LEU A 118 -11.10 -1.04 -4.11
C LEU A 118 -11.77 -0.08 -5.07
N VAL A 119 -12.39 0.98 -4.53
CA VAL A 119 -13.15 1.91 -5.36
C VAL A 119 -12.27 3.14 -5.54
N CYS A 120 -11.98 3.49 -6.80
CA CYS A 120 -11.07 4.59 -7.10
C CYS A 120 -11.88 5.82 -7.48
N GLY A 121 -11.83 6.84 -6.60
CA GLY A 121 -12.55 8.06 -6.85
C GLY A 121 -11.78 8.96 -7.80
N ARG A 122 -12.53 9.69 -8.64
CA ARG A 122 -11.99 10.76 -9.46
C ARG A 122 -12.86 11.99 -9.27
N TYR A 123 -12.49 13.07 -9.94
CA TYR A 123 -13.24 14.35 -9.78
C TYR A 123 -13.17 14.76 -8.30
N GLU A 124 -14.28 15.27 -7.74
CA GLU A 124 -14.37 15.59 -6.32
C GLU A 124 -14.83 14.40 -5.49
N GLY A 125 -14.85 13.22 -6.08
CA GLY A 125 -15.12 12.00 -5.36
C GLY A 125 -16.54 11.49 -5.54
N ILE A 126 -16.97 10.71 -4.58
CA ILE A 126 -18.24 9.99 -4.69
C ILE A 126 -19.27 10.57 -3.73
N ASP A 127 -20.54 10.42 -4.11
CA ASP A 127 -21.64 10.88 -3.30
C ASP A 127 -21.58 10.25 -1.91
N GLU A 128 -21.75 11.09 -0.90
CA GLU A 128 -21.62 10.66 0.48
C GLU A 128 -22.56 9.48 0.80
N ARG A 129 -23.77 9.46 0.20
CA ARG A 129 -24.67 8.35 0.51
C ARG A 129 -24.18 7.04 -0.07
N LEU A 130 -23.39 7.09 -1.15
CA LEU A 130 -22.71 5.85 -1.59
C LEU A 130 -21.67 5.37 -0.60
N ILE A 131 -20.93 6.30 0.04
CA ILE A 131 -20.04 5.86 1.10
C ILE A 131 -20.83 5.15 2.19
N GLN A 132 -21.95 5.74 2.61
CA GLN A 132 -22.78 5.15 3.65
C GLN A 132 -23.29 3.77 3.25
N THR A 133 -23.79 3.64 2.03
CA THR A 133 -24.42 2.39 1.62
C THR A 133 -23.51 1.31 1.06
N GLU A 134 -22.43 1.68 0.34
CA GLU A 134 -21.60 0.70 -0.35
C GLU A 134 -20.20 0.47 0.19
N ILE A 135 -19.70 1.32 1.06
CA ILE A 135 -18.26 1.28 1.41
C ILE A 135 -18.15 0.73 2.83
N ASP A 136 -17.28 -0.28 3.00
CA ASP A 136 -17.01 -0.80 4.35
C ASP A 136 -15.98 0.02 5.10
N GLU A 137 -14.88 0.41 4.45
CA GLU A 137 -13.82 1.14 5.13
C GLU A 137 -13.22 2.16 4.18
N GLU A 138 -12.83 3.29 4.74
CA GLU A 138 -12.17 4.34 3.98
C GLU A 138 -10.72 4.49 4.47
N TRP A 139 -9.76 4.45 3.54
CA TRP A 139 -8.34 4.52 3.92
C TRP A 139 -7.65 5.57 3.09
N SER A 140 -6.63 6.21 3.68
CA SER A 140 -5.75 7.15 2.99
C SER A 140 -4.34 6.59 2.93
N ILE A 141 -3.67 6.77 1.78
CA ILE A 141 -2.25 6.38 1.76
C ILE A 141 -1.34 7.47 2.29
N GLY A 142 -1.86 8.64 2.60
CA GLY A 142 -1.00 9.66 3.17
C GLY A 142 -1.65 11.02 3.06
N ASP A 143 -1.08 12.02 3.75
CA ASP A 143 -1.86 13.26 3.76
C ASP A 143 -1.35 14.13 2.62
N TYR A 144 -1.91 13.82 1.46
CA TYR A 144 -1.66 14.55 0.23
C TYR A 144 -2.77 14.16 -0.73
N VAL A 145 -2.95 14.95 -1.79
CA VAL A 145 -4.06 14.78 -2.71
C VAL A 145 -3.51 14.41 -4.08
N LEU A 146 -4.11 13.39 -4.68
CA LEU A 146 -3.74 12.94 -6.00
C LEU A 146 -4.90 13.17 -6.96
N THR A 147 -4.64 12.95 -8.24
CA THR A 147 -5.70 13.17 -9.24
C THR A 147 -6.72 12.04 -9.28
N GLY A 148 -6.48 10.94 -8.58
CA GLY A 148 -7.50 9.89 -8.51
C GLY A 148 -7.08 8.87 -7.48
N GLY A 149 -8.01 7.98 -7.16
CA GLY A 149 -7.67 6.91 -6.22
C GLY A 149 -6.90 5.73 -6.82
N GLU A 150 -6.57 5.77 -8.11
CA GLU A 150 -5.86 4.64 -8.73
C GLU A 150 -4.46 4.42 -8.14
N LEU A 151 -3.64 5.47 -8.04
CA LEU A 151 -2.33 5.25 -7.46
C LEU A 151 -2.44 4.80 -6.01
N PRO A 152 -3.32 5.38 -5.18
CA PRO A 152 -3.48 4.83 -3.83
C PRO A 152 -3.88 3.36 -3.87
N ALA A 153 -4.79 2.99 -4.76
CA ALA A 153 -5.22 1.59 -4.81
C ALA A 153 -4.06 0.70 -5.22
N MET A 154 -3.27 1.14 -6.21
CA MET A 154 -2.12 0.34 -6.62
CA MET A 154 -2.11 0.36 -6.63
C MET A 154 -1.10 0.23 -5.51
N THR A 155 -0.90 1.31 -4.75
CA THR A 155 0.02 1.28 -3.61
C THR A 155 -0.49 0.30 -2.57
N LEU A 156 -1.79 0.30 -2.29
CA LEU A 156 -2.30 -0.65 -1.30
C LEU A 156 -2.15 -2.08 -1.80
N ILE A 157 -2.44 -2.34 -3.09
CA ILE A 157 -2.30 -3.71 -3.60
C ILE A 157 -0.87 -4.20 -3.45
N ASP A 158 0.09 -3.35 -3.84
CA ASP A 158 1.49 -3.77 -3.75
C ASP A 158 1.86 -4.02 -2.29
N ALA A 159 1.47 -3.12 -1.39
CA ALA A 159 1.87 -3.31 0.01
C ALA A 159 1.27 -4.59 0.58
N VAL A 160 -0.02 -4.83 0.33
CA VAL A 160 -0.63 -6.07 0.87
C VAL A 160 -0.05 -7.31 0.19
N ALA A 161 0.28 -7.23 -1.11
CA ALA A 161 0.76 -8.40 -1.81
C ALA A 161 2.07 -8.92 -1.22
N ARG A 162 2.87 -8.04 -0.62
CA ARG A 162 4.12 -8.48 -0.02
C ARG A 162 3.89 -9.42 1.17
N PHE A 163 2.72 -9.34 1.79
CA PHE A 163 2.44 -10.19 2.93
C PHE A 163 1.75 -11.48 2.52
N ILE A 164 1.55 -11.71 1.22
CA ILE A 164 0.99 -12.97 0.76
C ILE A 164 2.13 -13.97 0.68
N PRO A 165 2.07 -15.08 1.43
CA PRO A 165 3.18 -16.05 1.40
C PRO A 165 3.50 -16.47 -0.02
N GLY A 166 4.78 -16.45 -0.36
CA GLY A 166 5.23 -16.83 -1.69
C GLY A 166 5.46 -15.67 -2.63
N VAL A 167 4.91 -14.49 -2.34
CA VAL A 167 5.11 -13.38 -3.28
C VAL A 167 6.57 -12.94 -3.28
N LEU A 168 7.18 -12.86 -2.12
CA LEU A 168 8.56 -12.37 -2.05
C LEU A 168 9.62 -13.44 -2.36
N ASP A 181 9.55 -5.08 13.06
CA ASP A 181 10.57 -4.72 14.04
C ASP A 181 10.40 -3.25 14.45
N GLY A 182 9.76 -2.49 13.57
CA GLY A 182 9.34 -1.13 13.84
C GLY A 182 10.42 -0.08 13.65
N LEU A 183 11.57 -0.44 13.08
CA LEU A 183 12.68 0.49 12.92
C LEU A 183 12.97 0.76 11.44
N LEU A 184 13.58 1.91 11.19
CA LEU A 184 14.10 2.21 9.85
C LEU A 184 15.21 1.22 9.47
N ASP A 185 15.42 1.06 8.15
CA ASP A 185 16.46 0.17 7.63
C ASP A 185 17.86 0.64 8.06
N CYS A 186 18.77 -0.32 8.22
CA CYS A 186 20.16 0.05 8.41
C CYS A 186 20.80 0.35 7.06
N PRO A 187 21.97 1.01 7.04
CA PRO A 187 22.68 1.21 5.76
C PRO A 187 23.09 -0.13 5.16
N HIS A 188 23.15 -0.16 3.84
CA HIS A 188 23.47 -1.38 3.12
C HIS A 188 24.60 -1.01 2.16
N TYR A 189 25.48 -1.97 1.88
CA TYR A 189 26.65 -1.71 1.03
C TYR A 189 26.86 -2.90 0.11
N THR A 190 27.29 -2.60 -1.12
CA THR A 190 27.67 -3.63 -2.08
C THR A 190 28.97 -3.16 -2.75
N ARG A 191 29.42 -3.90 -3.78
CA ARG A 191 30.67 -3.56 -4.45
C ARG A 191 30.52 -2.19 -5.09
N PRO A 192 31.58 -1.41 -5.21
CA PRO A 192 32.93 -1.88 -4.86
C PRO A 192 33.30 -1.59 -3.40
N GLU A 193 34.47 -2.10 -3.02
CA GLU A 193 34.91 -1.90 -1.64
C GLU A 193 35.15 -0.41 -1.34
N VAL A 194 35.62 0.37 -2.31
CA VAL A 194 35.80 1.81 -2.15
C VAL A 194 35.03 2.53 -3.26
N LEU A 195 34.20 3.52 -2.86
CA LEU A 195 33.35 4.26 -3.79
C LEU A 195 33.49 5.74 -3.51
N GLU A 196 34.02 6.50 -4.47
CA GLU A 196 34.30 7.91 -4.28
C GLU A 196 35.03 8.18 -2.96
N GLY A 197 36.03 7.35 -2.67
CA GLY A 197 36.80 7.46 -1.42
C GLY A 197 36.13 6.92 -0.17
N LEU A 198 34.87 6.49 -0.27
CA LEU A 198 34.11 6.01 0.88
C LEU A 198 34.22 4.49 0.96
N THR A 199 34.54 3.98 2.14
CA THR A 199 34.87 2.58 2.34
C THR A 199 33.70 1.87 3.02
N VAL A 200 33.58 0.57 2.77
CA VAL A 200 32.59 -0.23 3.50
C VAL A 200 33.03 -0.36 4.96
N PRO A 201 32.13 -0.21 5.93
CA PRO A 201 32.52 -0.43 7.34
C PRO A 201 33.16 -1.79 7.52
N PRO A 202 34.36 -1.82 8.12
CA PRO A 202 35.10 -3.10 8.25
C PRO A 202 34.31 -4.26 8.84
N VAL A 203 33.40 -3.98 9.80
CA VAL A 203 32.61 -5.06 10.41
C VAL A 203 31.90 -5.91 9.36
N LEU A 204 31.41 -5.29 8.28
CA LEU A 204 30.66 -6.04 7.29
C LEU A 204 31.54 -6.94 6.45
N MET A 205 32.85 -6.72 6.47
CA MET A 205 33.82 -7.60 5.81
CA MET A 205 33.77 -7.63 5.79
C MET A 205 34.38 -8.66 6.75
N SER A 206 34.07 -8.58 8.05
CA SER A 206 34.68 -9.42 9.09
C SER A 206 34.26 -10.87 9.02
N GLY A 207 33.16 -11.19 8.38
CA GLY A 207 32.63 -12.53 8.48
C GLY A 207 32.07 -12.91 9.84
N HIS A 208 31.98 -11.98 10.80
CA HIS A 208 31.43 -12.32 12.11
C HIS A 208 29.95 -12.00 12.11
N HIS A 209 29.13 -13.05 12.06
CA HIS A 209 27.70 -12.86 11.80
C HIS A 209 27.01 -12.18 12.97
N GLU A 210 27.40 -12.50 14.20
CA GLU A 210 26.76 -11.87 15.34
C GLU A 210 27.13 -10.39 15.44
N GLU A 211 28.40 -10.07 15.24
CA GLU A 211 28.82 -8.67 15.26
C GLU A 211 28.10 -7.89 14.16
N ILE A 212 27.91 -8.50 13.00
CA ILE A 212 27.21 -7.84 11.90
C ILE A 212 25.75 -7.59 12.26
N ARG A 213 25.09 -8.60 12.83
CA ARG A 213 23.68 -8.43 13.22
C ARG A 213 23.54 -7.28 14.20
N LYS A 214 24.41 -7.24 15.21
CA LYS A 214 24.31 -6.20 16.22
C LYS A 214 24.64 -4.83 15.65
N TRP A 215 25.61 -4.76 14.74
CA TRP A 215 25.93 -3.47 14.13
C TRP A 215 24.74 -2.94 13.33
N ARG A 216 24.13 -3.80 12.53
CA ARG A 216 22.95 -3.41 11.72
C ARG A 216 21.81 -2.96 12.63
N LEU A 217 21.57 -3.69 13.71
CA LEU A 217 20.49 -3.31 14.60
C LEU A 217 20.79 -1.98 15.27
N LYS A 218 22.04 -1.80 15.72
CA LYS A 218 22.40 -0.53 16.34
C LYS A 218 22.23 0.64 15.37
N GLN A 219 22.65 0.44 14.11
CA GLN A 219 22.46 1.47 13.09
C GLN A 219 20.99 1.76 12.84
N SER A 220 20.14 0.72 12.81
CA SER A 220 18.70 0.95 12.63
C SER A 220 18.14 1.74 13.80
N LEU A 221 18.56 1.40 15.02
CA LEU A 221 18.09 2.16 16.17
C LEU A 221 18.56 3.61 16.11
N GLN A 222 19.83 3.83 15.76
CA GLN A 222 20.36 5.18 15.67
C GLN A 222 19.62 6.00 14.61
N ARG A 223 19.43 5.42 13.44
CA ARG A 223 18.72 6.13 12.36
C ARG A 223 17.28 6.42 12.74
N THR A 224 16.63 5.49 13.42
CA THR A 224 15.25 5.76 13.80
C THR A 224 15.17 6.89 14.82
N TRP A 225 16.06 6.87 15.82
CA TRP A 225 16.12 7.93 16.82
C TRP A 225 16.37 9.29 16.17
N LEU A 226 17.31 9.35 15.24
CA LEU A 226 17.69 10.65 14.69
C LEU A 226 16.63 11.18 13.72
N ARG A 227 16.11 10.32 12.84
CA ARG A 227 15.13 10.71 11.81
C ARG A 227 13.68 10.71 12.24
N ARG A 228 13.24 9.69 12.98
CA ARG A 228 11.82 9.47 13.27
C ARG A 228 11.70 9.03 14.71
N PRO A 229 12.03 9.91 15.65
CA PRO A 229 12.06 9.48 17.07
C PRO A 229 10.71 9.06 17.60
N GLU A 230 9.63 9.59 17.01
CA GLU A 230 8.29 9.17 17.42
C GLU A 230 8.04 7.69 17.14
N LEU A 231 8.72 7.11 16.15
CA LEU A 231 8.59 5.67 15.95
C LEU A 231 9.10 4.86 17.14
N LEU A 232 10.14 5.35 17.84
CA LEU A 232 10.63 4.63 19.01
C LEU A 232 9.65 4.67 20.16
N GLU A 233 8.84 5.72 20.22
CA GLU A 233 7.86 5.82 21.30
C GLU A 233 6.81 4.73 21.20
N GLY A 234 6.55 4.23 20.00
CA GLY A 234 5.57 3.19 19.83
C GLY A 234 6.07 1.78 20.11
N LEU A 235 7.35 1.62 20.44
CA LEU A 235 7.94 0.31 20.60
C LEU A 235 8.25 0.07 22.07
N ALA A 236 8.15 -1.20 22.45
CA ALA A 236 8.70 -1.63 23.72
C ALA A 236 10.01 -2.28 23.30
N LEU A 237 11.09 -1.57 23.50
CA LEU A 237 12.37 -2.06 23.02
C LEU A 237 12.80 -3.28 23.84
N THR A 238 13.41 -4.25 23.15
CA THR A 238 14.08 -5.34 23.86
C THR A 238 15.27 -4.84 24.65
N ASP A 239 15.65 -5.66 25.63
CA ASP A 239 16.83 -5.38 26.40
C ASP A 239 18.06 -5.11 25.50
N GLU A 240 18.28 -5.96 24.50
CA GLU A 240 19.40 -5.74 23.59
C GLU A 240 19.24 -4.42 22.84
N GLN A 241 18.02 -4.10 22.42
CA GLN A 241 17.80 -2.85 21.69
C GLN A 241 18.02 -1.64 22.58
N ARG A 242 17.59 -1.71 23.85
CA ARG A 242 17.82 -0.58 24.75
C ARG A 242 19.30 -0.31 24.91
N LYS A 243 20.10 -1.37 25.02
CA LYS A 243 21.54 -1.20 25.21
C LYS A 243 22.19 -0.62 23.97
N LEU A 244 21.82 -1.15 22.80
CA LEU A 244 22.47 -0.64 21.58
C LEU A 244 22.04 0.79 21.30
N LEU A 245 20.77 1.13 21.59
CA LEU A 245 20.36 2.51 21.41
C LEU A 245 21.11 3.44 22.37
N LYS A 246 21.27 3.04 23.63
CA LYS A 246 22.05 3.88 24.54
C LYS A 246 23.48 4.05 24.04
N GLU A 247 24.09 2.99 23.51
CA GLU A 247 25.44 3.09 22.98
C GLU A 247 25.50 4.08 21.83
N ALA A 248 24.54 3.99 20.90
CA ALA A 248 24.50 4.91 19.75
C ALA A 248 24.32 6.36 20.19
N GLN A 249 23.42 6.60 21.15
CA GLN A 249 23.20 7.95 21.62
C GLN A 249 24.46 8.52 22.27
N ALA A 250 25.18 7.67 23.02
CA ALA A 250 26.44 8.10 23.65
C ALA A 250 27.51 8.43 22.61
N GLU A 251 27.63 7.60 21.58
CA GLU A 251 28.54 7.91 20.50
C GLU A 251 28.15 9.18 19.76
N HIS A 252 26.86 9.35 19.46
CA HIS A 252 26.42 10.56 18.76
C HIS A 252 26.76 11.82 19.55
N ASN A 253 26.68 11.75 20.89
CA ASN A 253 27.06 12.83 21.79
C ASN A 253 28.56 12.86 22.07
N SER A 254 29.31 11.92 21.46
CA SER A 254 30.78 11.78 21.47
C SER A 254 31.38 11.15 22.72
C12 4H1 B . -6.85 9.11 -2.27
C11 4H1 B . -7.44 9.61 -3.41
C14 4H1 B . -5.26 10.90 -2.42
C13 4H1 B . -5.72 9.78 -1.76
C10 4H1 B . -6.93 10.75 -4.03
C16 4H1 B . -5.02 9.33 -0.54
C5 4H1 B . -12.05 12.54 -3.63
C4 4H1 B . -11.71 13.99 -3.85
C6 4H1 B . -11.29 11.63 -4.56
C19 4H1 B . -9.49 13.39 -4.57
C3 4H1 B . -10.24 14.23 -3.57
C7 4H1 B . -9.81 11.93 -4.40
C2 4H1 B . -9.83 15.69 -3.69
C8 4H1 B . -8.98 11.15 -5.41
N15 4H1 B . -5.81 11.39 -3.53
N17 4H1 B . -4.19 10.25 0.15
N1 4H1 B . -10.67 16.67 -3.04
N9 4H1 B . -7.54 11.30 -5.21
O18 4H1 B . -5.14 8.20 -0.09
#